data_4LQS
#
_entry.id   4LQS
#
_cell.length_a   138.430
_cell.length_b   79.980
_cell.length_c   117.580
_cell.angle_alpha   90.00
_cell.angle_beta   117.60
_cell.angle_gamma   90.00
#
_symmetry.space_group_name_H-M   'C 1 2 1'
#
loop_
_entity.id
_entity.type
_entity.pdbx_description
1 polymer 'Serine/threonine-protein kinase CBK1'
2 polymer 'CBK1 kinase activator protein MOB2'
3 non-polymer 'PHOSPHOAMINOPHOSPHONIC ACID-ADENYLATE ESTER'
#
loop_
_entity_poly.entity_id
_entity_poly.type
_entity_poly.pdbx_seq_one_letter_code
_entity_poly.pdbx_strand_id
1 'polypeptide(L)'
;GSSPVQSGFNNGTISNYMYFERRPDLLTKGTQDKAAAVKLKIENFYQSSVKYAIERNERRVELETELTSHNWSEERKSRQ
LSSLGKKESQFLRLRRTRLSLEDFHTVKVIGKGAFGEVRLVQKKDTGKIYAMKTLLKSEMYKKDQLAHVKAERDVLAGSD
SPWVVSLYYSFQDAQYLYLIMEFLPGGDLMTMLIRWQLFTEDVTRFYMAECILAIETIHKLGFIHRAIKPDNILIDIRGH
IKLSDFGLSTGFHKTHDSNYYKKLLQQDEATNGISKPGTYNANTTDTANKRQTMVVDSISLTMSNRQQIQTWRKSRRLMA
YSTVGTPDYIAPEIFLYQGYGQECDWWSLGAIMYECLIGWPPFCSETPQETYRKIMNFEQTLQFPDDIHISYEAEDLIRR
LLTHADQRLGRHGGADEIKSHPFFRGVDWNTIRQVEAPYIPKLSSITDTRFFPTDELENVPDSPAMAQAAKQREQMTKQG
GSAPVKEDLPFIGYTYSRFDYLTRKNAL
;
A
2 'polypeptide(L)'
;GSRNKHHSPKRHSQTSFPAQKSTPQSQQLTSTTPQSQQQEASERSESQQIMFLSEPFVRTALVKGSFKTIVQLPKYVDLG
EWIALNVFEFFTNLNQFYGVVAEYVTPDAYPTMNAGPHTDYLWLDANNRQVSLPASQYIDLALTWINNKVNDKNLFPTKN
GLPFPQQFSRDVQRIMVQMFRIFAHIYHHHFDKIVHLSLEAHWNSFFSHFISFAKEFKIIDRKEMAPLLPLIESFEKQGK
IIYN
;
B
#
# COMPACT_ATOMS: atom_id res chain seq x y z
N TYR A 46 25.43 -10.26 14.96
CA TYR A 46 26.02 -11.60 14.87
C TYR A 46 25.47 -12.46 15.99
N GLN A 47 24.63 -11.85 16.82
CA GLN A 47 23.78 -12.59 17.74
C GLN A 47 22.54 -13.13 17.01
N SER A 48 21.88 -12.27 16.23
CA SER A 48 20.61 -12.61 15.58
C SER A 48 20.74 -13.15 14.16
N SER A 49 21.98 -13.35 13.71
CA SER A 49 22.26 -13.71 12.31
C SER A 49 21.73 -15.08 11.85
N VAL A 50 21.11 -15.82 12.76
CA VAL A 50 20.32 -16.98 12.39
C VAL A 50 18.97 -16.47 11.88
N LYS A 51 18.82 -15.14 11.84
CA LYS A 51 17.74 -14.49 11.10
C LYS A 51 17.89 -14.73 9.60
N TYR A 52 19.13 -14.84 9.13
CA TYR A 52 19.45 -15.15 7.73
C TYR A 52 19.18 -16.61 7.45
N ALA A 53 18.88 -17.35 8.51
CA ALA A 53 18.44 -18.73 8.39
C ALA A 53 16.92 -18.71 8.26
N ILE A 54 16.28 -18.18 9.30
CA ILE A 54 14.82 -18.14 9.38
C ILE A 54 14.19 -17.38 8.22
N GLU A 55 14.89 -16.40 7.66
CA GLU A 55 14.42 -15.72 6.45
C GLU A 55 14.58 -16.62 5.22
N ARG A 56 15.81 -17.08 5.02
CA ARG A 56 16.23 -17.67 3.77
C ARG A 56 15.50 -18.98 3.47
N ASN A 57 14.75 -19.47 4.45
CA ASN A 57 13.81 -20.55 4.20
C ASN A 57 12.62 -20.03 3.37
N GLU A 58 12.00 -18.97 3.86
CA GLU A 58 10.90 -18.33 3.15
C GLU A 58 11.39 -17.72 1.84
N ARG A 59 12.71 -17.56 1.73
CA ARG A 59 13.37 -17.22 0.47
C ARG A 59 13.37 -18.43 -0.45
N ARG A 60 13.64 -19.60 0.10
CA ARG A 60 13.56 -20.81 -0.69
C ARG A 60 12.11 -21.22 -0.87
N VAL A 61 11.32 -21.04 0.20
CA VAL A 61 9.88 -21.29 0.18
C VAL A 61 9.21 -20.49 -0.94
N GLU A 62 9.42 -19.17 -0.92
CA GLU A 62 8.85 -18.30 -1.95
C GLU A 62 9.29 -18.85 -3.31
N LEU A 63 10.60 -19.03 -3.45
CA LEU A 63 11.21 -19.47 -4.69
C LEU A 63 10.58 -20.74 -5.24
N GLU A 64 10.04 -21.59 -4.38
CA GLU A 64 9.43 -22.83 -4.89
C GLU A 64 8.03 -22.67 -5.47
N THR A 65 7.13 -22.03 -4.74
CA THR A 65 5.74 -22.01 -5.20
C THR A 65 5.66 -21.19 -6.47
N GLU A 66 6.49 -20.16 -6.53
CA GLU A 66 6.48 -19.23 -7.65
C GLU A 66 6.69 -20.00 -8.93
N LEU A 67 7.49 -21.03 -8.82
CA LEU A 67 7.82 -21.86 -9.95
C LEU A 67 6.78 -22.94 -10.20
N THR A 68 6.23 -23.54 -9.16
CA THR A 68 5.09 -24.44 -9.37
C THR A 68 3.91 -23.63 -9.90
N SER A 69 3.93 -22.33 -9.61
CA SER A 69 2.99 -21.40 -10.21
C SER A 69 3.22 -21.29 -11.73
N HIS A 70 4.48 -21.20 -12.19
CA HIS A 70 4.81 -21.08 -13.61
C HIS A 70 4.07 -22.12 -14.41
N ASN A 71 3.75 -23.21 -13.73
CA ASN A 71 3.10 -24.35 -14.34
C ASN A 71 1.56 -24.17 -14.36
N TRP A 72 1.09 -22.97 -14.04
CA TRP A 72 -0.28 -22.54 -14.36
C TRP A 72 -0.53 -22.65 -15.86
N SER A 73 0.56 -22.71 -16.62
CA SER A 73 0.51 -23.02 -18.05
C SER A 73 0.07 -24.47 -18.16
N GLU A 74 0.07 -24.99 -19.38
CA GLU A 74 -0.60 -26.26 -19.66
C GLU A 74 -2.09 -26.08 -19.42
N GLU A 75 -2.52 -24.83 -19.48
CA GLU A 75 -3.92 -24.48 -19.41
C GLU A 75 -4.66 -25.23 -20.52
N ARG A 76 -4.02 -25.30 -21.69
CA ARG A 76 -4.42 -26.22 -22.77
C ARG A 76 -5.88 -26.28 -23.20
N LYS A 77 -6.33 -25.28 -23.94
CA LYS A 77 -7.64 -25.38 -24.60
C LYS A 77 -7.48 -26.28 -25.83
N SER A 78 -8.18 -27.42 -25.79
CA SER A 78 -8.32 -28.27 -26.96
C SER A 78 -9.69 -27.98 -27.57
N ARG A 79 -10.45 -27.12 -26.90
CA ARG A 79 -11.76 -26.65 -27.39
C ARG A 79 -11.55 -25.84 -28.66
N GLN A 80 -10.27 -25.53 -28.93
CA GLN A 80 -9.85 -25.00 -30.22
C GLN A 80 -9.36 -26.13 -31.13
N LEU A 81 -9.99 -26.25 -32.30
CA LEU A 81 -9.51 -27.06 -33.41
C LEU A 81 -8.64 -26.10 -34.20
N SER A 82 -8.43 -24.94 -33.58
CA SER A 82 -7.74 -23.78 -34.13
C SER A 82 -6.24 -24.05 -34.31
N SER A 83 -5.52 -22.99 -34.68
CA SER A 83 -4.10 -23.01 -35.03
C SER A 83 -3.27 -23.68 -33.91
N LEU A 84 -2.13 -24.34 -34.19
CA LEU A 84 -1.19 -24.14 -35.30
C LEU A 84 -0.74 -22.68 -35.42
N GLY A 85 -0.59 -22.17 -36.64
CA GLY A 85 -0.45 -20.72 -36.85
C GLY A 85 0.56 -19.98 -35.98
N LYS A 86 1.82 -20.43 -36.00
CA LYS A 86 2.85 -19.92 -35.08
C LYS A 86 2.46 -20.17 -33.60
N LYS A 87 2.67 -19.20 -32.71
CA LYS A 87 2.38 -19.43 -31.29
C LYS A 87 1.70 -18.24 -30.63
N GLU A 88 0.73 -18.54 -29.76
CA GLU A 88 0.00 -17.50 -29.02
C GLU A 88 0.58 -17.27 -27.63
N SER A 89 1.70 -17.92 -27.32
CA SER A 89 2.31 -17.84 -26.00
C SER A 89 3.59 -17.03 -25.99
N GLN A 90 3.53 -15.84 -25.39
CA GLN A 90 4.75 -15.13 -25.05
C GLN A 90 4.70 -14.51 -23.66
N PHE A 91 5.68 -14.90 -22.85
CA PHE A 91 5.68 -14.57 -21.45
C PHE A 91 6.90 -13.77 -21.06
N LEU A 92 6.62 -12.49 -20.80
CA LEU A 92 7.60 -11.42 -20.73
C LEU A 92 8.91 -11.68 -19.91
N ARG A 93 8.81 -11.95 -18.61
CA ARG A 93 7.56 -12.30 -17.96
C ARG A 93 6.92 -11.13 -17.21
N LEU A 94 7.66 -10.59 -16.26
CA LEU A 94 7.16 -9.63 -15.30
C LEU A 94 8.44 -9.07 -14.69
N ARG A 95 8.32 -8.42 -13.53
CA ARG A 95 9.47 -8.29 -12.63
C ARG A 95 9.20 -7.67 -11.28
N ARG A 96 10.09 -7.98 -10.34
CA ARG A 96 10.09 -7.37 -9.04
C ARG A 96 11.09 -6.25 -9.03
N THR A 97 11.84 -6.16 -10.14
CA THR A 97 12.56 -4.94 -10.49
C THR A 97 13.34 -4.35 -9.33
N ARG A 98 12.94 -3.12 -8.99
CA ARG A 98 13.43 -2.31 -7.90
C ARG A 98 12.62 -1.03 -8.08
N LEU A 99 12.63 -0.14 -7.08
CA LEU A 99 11.88 1.13 -7.18
C LEU A 99 12.35 2.19 -6.18
N SER A 100 11.62 3.32 -6.11
CA SER A 100 11.96 4.43 -5.20
C SER A 100 10.97 5.59 -5.27
N LEU A 101 11.14 6.57 -4.38
CA LEU A 101 10.48 7.87 -4.52
C LEU A 101 11.29 8.60 -5.57
N GLU A 102 10.92 9.84 -5.87
CA GLU A 102 11.59 10.61 -6.92
C GLU A 102 11.37 10.01 -8.32
N ASP A 103 10.75 8.83 -8.37
CA ASP A 103 10.28 8.27 -9.61
C ASP A 103 8.88 8.82 -9.86
N PHE A 104 8.49 9.72 -8.94
CA PHE A 104 7.22 10.43 -9.01
C PHE A 104 7.46 11.90 -8.85
N HIS A 105 7.07 12.67 -9.85
CA HIS A 105 7.07 14.10 -9.67
C HIS A 105 5.83 14.45 -8.86
N THR A 106 5.99 15.37 -7.94
CA THR A 106 4.84 15.83 -7.20
C THR A 106 4.25 17.04 -7.91
N VAL A 107 2.93 17.05 -8.04
CA VAL A 107 2.23 18.15 -8.69
C VAL A 107 1.83 19.18 -7.64
N LYS A 108 0.82 18.84 -6.85
CA LYS A 108 0.38 19.68 -5.77
C LYS A 108 0.06 18.79 -4.58
N VAL A 109 0.13 19.37 -3.40
CA VAL A 109 -0.40 18.72 -2.21
C VAL A 109 -1.93 18.84 -2.18
N ILE A 110 -2.58 17.83 -1.65
CA ILE A 110 -4.02 17.75 -1.71
C ILE A 110 -4.59 17.94 -0.31
N GLY A 111 -4.20 17.04 0.59
CA GLY A 111 -4.72 17.07 1.93
C GLY A 111 -3.65 16.65 2.91
N LYS A 112 -3.96 16.79 4.19
CA LYS A 112 -3.03 16.46 5.25
C LYS A 112 -3.68 15.68 6.38
N GLY A 113 -2.88 14.85 7.02
CA GLY A 113 -3.31 14.05 8.14
C GLY A 113 -2.17 13.91 9.13
N ALA A 114 -2.47 13.40 10.31
CA ALA A 114 -1.49 13.36 11.38
C ALA A 114 -0.34 12.42 11.02
N PHE A 115 -0.68 11.21 10.61
CA PHE A 115 0.32 10.24 10.21
C PHE A 115 1.08 10.82 9.03
N GLY A 116 0.35 11.49 8.15
CA GLY A 116 0.96 12.16 7.01
C GLY A 116 0.01 12.63 5.92
N GLU A 117 0.58 13.36 4.97
CA GLU A 117 -0.16 13.97 3.86
C GLU A 117 -0.51 13.01 2.73
N VAL A 118 -1.59 13.32 2.01
CA VAL A 118 -1.88 12.64 0.78
C VAL A 118 -1.39 13.57 -0.33
N ARG A 119 -1.32 13.07 -1.56
CA ARG A 119 -0.78 13.86 -2.66
C ARG A 119 -1.10 13.44 -4.09
N LEU A 120 -1.01 14.44 -4.96
CA LEU A 120 -1.21 14.24 -6.38
C LEU A 120 0.13 14.13 -7.03
N VAL A 121 0.44 12.95 -7.54
CA VAL A 121 1.74 12.74 -8.13
C VAL A 121 1.62 12.18 -9.53
N GLN A 122 2.51 12.64 -10.39
CA GLN A 122 2.71 12.06 -11.70
C GLN A 122 3.94 11.20 -11.63
N LYS A 123 3.86 9.99 -12.14
CA LYS A 123 5.01 9.10 -12.17
C LYS A 123 6.01 9.71 -13.15
N LYS A 124 7.23 10.01 -12.70
CA LYS A 124 8.25 10.59 -13.60
C LYS A 124 8.48 9.66 -14.78
N ASP A 125 8.63 8.39 -14.43
CA ASP A 125 8.92 7.33 -15.35
C ASP A 125 8.01 7.37 -16.58
N THR A 126 6.75 6.99 -16.44
CA THR A 126 5.79 7.14 -17.55
C THR A 126 5.14 8.51 -17.69
N GLY A 127 4.69 9.04 -16.57
CA GLY A 127 3.71 10.11 -16.54
C GLY A 127 2.39 9.37 -16.43
N LYS A 128 1.50 9.89 -15.61
CA LYS A 128 0.27 9.23 -15.18
C LYS A 128 -0.20 10.22 -14.12
N ILE A 129 -1.37 10.01 -13.52
CA ILE A 129 -1.62 10.71 -12.25
C ILE A 129 -2.08 9.76 -11.16
N TYR A 130 -1.51 9.95 -9.97
CA TYR A 130 -1.77 9.06 -8.86
C TYR A 130 -2.08 9.83 -7.61
N ALA A 131 -2.93 9.23 -6.80
CA ALA A 131 -3.15 9.70 -5.44
C ALA A 131 -2.05 9.08 -4.61
N MET A 132 -1.26 9.93 -3.97
CA MET A 132 -0.11 9.47 -3.19
C MET A 132 -0.31 9.68 -1.71
N LYS A 133 -0.28 8.62 -0.89
CA LYS A 133 -0.40 8.83 0.56
C LYS A 133 0.92 8.73 1.33
N THR A 134 1.23 9.74 2.14
CA THR A 134 2.39 9.63 3.04
C THR A 134 1.97 9.27 4.47
N LEU A 135 2.64 8.28 5.02
CA LEU A 135 2.31 7.74 6.32
C LEU A 135 3.58 7.79 7.14
N LEU A 136 3.59 7.18 8.31
CA LEU A 136 4.83 7.19 9.09
C LEU A 136 5.11 5.88 9.79
N LYS A 137 6.37 5.49 9.77
CA LYS A 137 6.83 4.37 10.54
C LYS A 137 6.99 4.95 11.93
N SER A 138 7.64 4.21 12.83
CA SER A 138 7.88 4.76 14.15
C SER A 138 8.52 6.15 14.02
N GLU A 139 7.93 7.12 14.72
CA GLU A 139 6.83 6.80 15.62
C GLU A 139 5.48 6.92 14.92
N MET A 140 4.88 5.76 14.62
CA MET A 140 3.44 5.59 14.71
C MET A 140 3.07 4.12 14.91
N TYR A 141 2.08 3.90 15.77
CA TYR A 141 1.83 2.62 16.44
C TYR A 141 0.88 1.65 15.73
N LYS A 142 0.33 0.73 16.52
CA LYS A 142 -0.28 -0.54 16.09
C LYS A 142 0.74 -1.56 15.61
N LYS A 143 1.81 -1.71 16.40
CA LYS A 143 2.81 -2.75 16.19
C LYS A 143 2.25 -4.13 16.58
N SER A 159 -10.42 -6.67 -2.13
CA SER A 159 -10.43 -5.58 -3.10
C SER A 159 -11.63 -5.72 -4.04
N ASP A 160 -11.45 -5.27 -5.28
CA ASP A 160 -12.45 -5.39 -6.37
C ASP A 160 -13.93 -5.02 -6.10
N SER A 161 -14.23 -3.71 -6.05
CA SER A 161 -15.59 -3.15 -5.82
C SER A 161 -15.59 -1.63 -6.08
N PRO A 162 -16.62 -1.13 -6.83
CA PRO A 162 -16.55 0.18 -7.52
C PRO A 162 -16.47 1.28 -6.51
N TRP A 163 -16.82 0.94 -5.27
CA TRP A 163 -17.16 1.86 -4.18
C TRP A 163 -15.99 2.46 -3.39
N VAL A 164 -14.84 1.80 -3.43
CA VAL A 164 -13.74 2.17 -2.56
C VAL A 164 -12.48 2.53 -3.37
N VAL A 165 -11.77 3.58 -2.98
CA VAL A 165 -10.54 3.98 -3.65
C VAL A 165 -9.55 2.82 -3.80
N SER A 166 -8.81 2.85 -4.90
CA SER A 166 -7.94 1.76 -5.27
C SER A 166 -6.49 1.98 -4.82
N LEU A 167 -6.08 1.16 -3.87
CA LEU A 167 -4.70 1.06 -3.46
C LEU A 167 -4.19 -0.04 -4.33
N TYR A 168 -3.13 0.27 -5.06
CA TYR A 168 -2.60 -0.62 -6.07
C TYR A 168 -1.48 -1.44 -5.46
N TYR A 169 -0.43 -0.73 -5.03
CA TYR A 169 0.74 -1.33 -4.39
C TYR A 169 1.37 -0.32 -3.41
N SER A 170 2.41 -0.70 -2.69
CA SER A 170 3.04 0.23 -1.74
C SER A 170 4.55 0.18 -1.80
N PHE A 171 5.17 1.22 -1.26
CA PHE A 171 6.63 1.30 -1.14
C PHE A 171 6.98 2.28 -0.03
N GLN A 172 8.23 2.23 0.47
CA GLN A 172 8.59 2.97 1.69
C GLN A 172 9.99 3.58 1.75
N ASP A 173 10.12 4.70 2.46
CA ASP A 173 11.43 5.29 2.74
C ASP A 173 11.89 4.88 4.14
N ALA A 174 12.96 5.51 4.63
CA ALA A 174 13.43 5.32 5.99
C ALA A 174 12.28 5.40 7.00
N GLN A 175 11.71 6.59 7.20
CA GLN A 175 10.61 6.77 8.16
C GLN A 175 9.14 6.80 7.64
N TYR A 176 8.92 6.93 6.34
CA TYR A 176 7.56 7.07 5.80
C TYR A 176 7.16 5.92 4.89
N LEU A 177 5.96 5.40 5.10
CA LEU A 177 5.35 4.43 4.19
C LEU A 177 4.70 5.20 3.05
N TYR A 178 4.67 4.63 1.86
CA TYR A 178 3.97 5.29 0.75
C TYR A 178 2.89 4.46 0.10
N LEU A 179 1.69 5.04 0.04
CA LEU A 179 0.59 4.40 -0.66
C LEU A 179 0.21 5.11 -1.99
N ILE A 180 -0.07 4.30 -3.00
CA ILE A 180 -0.38 4.84 -4.33
C ILE A 180 -1.78 4.46 -4.81
N MET A 181 -2.59 5.48 -5.06
CA MET A 181 -4.01 5.26 -5.28
C MET A 181 -4.50 5.93 -6.53
N GLU A 182 -5.62 5.41 -7.05
CA GLU A 182 -6.36 6.15 -8.05
C GLU A 182 -6.74 7.52 -7.50
N PHE A 183 -6.50 8.56 -8.28
CA PHE A 183 -6.71 9.91 -7.80
C PHE A 183 -8.12 10.49 -8.04
N LEU A 184 -8.79 10.86 -6.95
CA LEU A 184 -10.14 11.39 -7.08
C LEU A 184 -10.20 12.90 -7.14
N PRO A 185 -10.48 13.42 -8.34
CA PRO A 185 -10.39 14.80 -8.83
C PRO A 185 -11.39 15.76 -8.19
N GLY A 186 -12.40 15.21 -7.49
CA GLY A 186 -13.55 15.98 -7.07
C GLY A 186 -13.60 16.41 -5.62
N GLY A 187 -12.45 16.49 -4.96
CA GLY A 187 -12.43 16.86 -3.55
C GLY A 187 -13.09 15.78 -2.74
N ASP A 188 -13.54 16.14 -1.54
CA ASP A 188 -14.25 15.19 -0.70
C ASP A 188 -15.59 15.79 -0.34
N LEU A 189 -16.42 15.05 0.39
CA LEU A 189 -17.67 15.62 0.88
C LEU A 189 -17.43 16.66 2.00
N MET A 190 -16.21 16.73 2.53
CA MET A 190 -15.92 17.84 3.41
C MET A 190 -15.98 19.14 2.63
N THR A 191 -15.10 19.28 1.64
CA THR A 191 -14.95 20.55 0.93
C THR A 191 -16.18 20.89 0.07
N MET A 192 -17.06 19.91 -0.14
CA MET A 192 -18.31 20.19 -0.85
C MET A 192 -19.27 20.97 0.04
N LEU A 193 -19.61 20.38 1.21
CA LEU A 193 -20.55 20.95 2.19
C LEU A 193 -20.22 22.41 2.44
N ILE A 194 -18.92 22.67 2.45
CA ILE A 194 -18.40 24.00 2.48
C ILE A 194 -18.85 24.81 1.26
N ARG A 195 -18.63 24.27 0.05
CA ARG A 195 -18.73 25.04 -1.20
C ARG A 195 -20.09 25.71 -1.36
N TRP A 196 -21.14 24.89 -1.41
CA TRP A 196 -22.46 25.40 -1.11
C TRP A 196 -23.09 24.44 -0.15
N GLN A 197 -23.56 24.94 1.00
CA GLN A 197 -24.12 24.05 2.03
C GLN A 197 -25.30 23.43 1.33
N LEU A 198 -25.30 22.10 1.25
CA LEU A 198 -26.04 21.43 0.19
C LEU A 198 -27.50 21.80 0.40
N PHE A 199 -28.10 22.40 -0.63
CA PHE A 199 -29.48 22.88 -0.60
C PHE A 199 -30.39 21.68 -0.90
N THR A 200 -29.72 20.55 -1.08
CA THR A 200 -30.18 19.23 -0.64
C THR A 200 -31.61 18.86 -0.86
N GLU A 201 -32.19 18.28 0.18
CA GLU A 201 -33.33 17.41 0.05
C GLU A 201 -32.84 16.33 -0.89
N ASP A 202 -33.40 16.30 -2.10
CA ASP A 202 -33.02 15.29 -3.11
C ASP A 202 -31.52 15.11 -3.38
N VAL A 203 -30.71 16.17 -3.26
CA VAL A 203 -29.25 16.04 -3.39
C VAL A 203 -28.78 14.97 -2.41
N THR A 204 -29.22 15.12 -1.18
CA THR A 204 -28.82 14.23 -0.09
C THR A 204 -29.23 12.79 -0.33
N ARG A 205 -30.41 12.56 -0.88
CA ARG A 205 -30.85 11.17 -1.02
C ARG A 205 -29.85 10.41 -1.87
N PHE A 206 -29.33 11.10 -2.89
CA PHE A 206 -28.41 10.49 -3.83
C PHE A 206 -27.13 10.13 -3.11
N TYR A 207 -26.50 11.14 -2.51
CA TYR A 207 -25.22 10.99 -1.83
C TYR A 207 -25.29 10.09 -0.57
N MET A 208 -26.48 9.77 -0.07
CA MET A 208 -26.72 8.66 0.85
C MET A 208 -26.81 7.51 -0.11
N ALA A 209 -27.45 6.39 0.22
CA ALA A 209 -27.69 5.41 -0.87
C ALA A 209 -26.31 5.00 -1.34
N GLU A 210 -25.82 5.72 -2.34
CA GLU A 210 -24.44 5.63 -2.78
C GLU A 210 -23.48 5.48 -1.61
N CYS A 211 -23.74 6.17 -0.51
CA CYS A 211 -23.06 5.89 0.77
C CYS A 211 -23.42 4.55 1.44
N ILE A 212 -24.69 4.19 1.43
CA ILE A 212 -25.13 2.91 1.98
C ILE A 212 -24.47 1.71 1.30
N LEU A 213 -24.36 1.82 -0.02
CA LEU A 213 -23.98 0.69 -0.86
C LEU A 213 -22.50 0.55 -0.73
N ALA A 214 -21.84 1.70 -0.69
CA ALA A 214 -20.46 1.76 -0.31
C ALA A 214 -20.34 0.94 0.97
N ILE A 215 -20.88 1.48 2.06
CA ILE A 215 -20.88 0.83 3.37
C ILE A 215 -21.36 -0.64 3.38
N GLU A 216 -22.54 -0.92 2.86
CA GLU A 216 -23.00 -2.31 2.83
C GLU A 216 -22.06 -3.32 2.14
N THR A 217 -21.28 -2.84 1.16
CA THR A 217 -20.25 -3.71 0.56
C THR A 217 -19.19 -4.01 1.59
N ILE A 218 -18.62 -2.96 2.18
CA ILE A 218 -17.54 -3.11 3.17
C ILE A 218 -17.86 -4.13 4.28
N HIS A 219 -19.01 -3.94 4.92
CA HIS A 219 -19.48 -4.89 5.92
C HIS A 219 -19.52 -6.30 5.35
N LYS A 220 -19.90 -6.43 4.08
CA LYS A 220 -20.10 -7.76 3.56
C LYS A 220 -18.77 -8.47 3.28
N LEU A 221 -17.70 -7.67 3.22
CA LEU A 221 -16.33 -8.19 3.18
C LEU A 221 -15.85 -8.50 4.60
N GLY A 222 -16.73 -8.30 5.58
CA GLY A 222 -16.44 -8.58 6.98
C GLY A 222 -15.65 -7.49 7.67
N PHE A 223 -15.99 -6.25 7.37
CA PHE A 223 -15.18 -5.12 7.77
C PHE A 223 -16.06 -4.07 8.39
N ILE A 224 -15.60 -3.43 9.46
CA ILE A 224 -16.30 -2.21 9.86
C ILE A 224 -15.40 -1.00 9.77
N HIS A 225 -15.92 0.06 9.17
CA HIS A 225 -15.08 1.22 8.87
C HIS A 225 -14.67 1.84 10.19
N ARG A 226 -15.64 2.26 10.98
CA ARG A 226 -15.42 3.10 12.17
C ARG A 226 -14.62 4.34 11.80
N ALA A 227 -14.58 4.72 10.53
CA ALA A 227 -14.33 6.12 10.22
C ALA A 227 -15.14 6.57 9.02
N ILE A 228 -16.19 7.33 9.26
CA ILE A 228 -17.09 7.69 8.17
C ILE A 228 -17.36 9.15 8.32
N LYS A 229 -16.89 9.97 7.38
CA LYS A 229 -16.88 11.41 7.62
C LYS A 229 -17.03 12.19 6.33
N PRO A 230 -17.41 13.46 6.44
CA PRO A 230 -17.33 14.36 5.30
C PRO A 230 -16.00 14.32 4.57
N ASP A 231 -14.88 14.31 5.28
CA ASP A 231 -13.59 14.36 4.60
C ASP A 231 -13.10 12.99 4.22
N ASN A 232 -13.73 11.98 4.80
CA ASN A 232 -13.34 10.61 4.54
C ASN A 232 -14.12 10.01 3.38
N ILE A 233 -14.88 10.85 2.69
CA ILE A 233 -15.64 10.43 1.50
C ILE A 233 -15.26 11.27 0.26
N LEU A 234 -15.02 10.61 -0.86
CA LEU A 234 -14.47 11.28 -2.04
C LEU A 234 -15.36 11.28 -3.30
N ILE A 235 -15.25 12.34 -4.08
CA ILE A 235 -16.04 12.53 -5.30
C ILE A 235 -15.22 12.32 -6.61
N ASP A 236 -15.68 11.40 -7.49
CA ASP A 236 -15.02 11.07 -8.76
C ASP A 236 -15.43 11.99 -9.95
N ILE A 237 -14.94 11.68 -11.15
CA ILE A 237 -15.11 12.60 -12.30
C ILE A 237 -16.53 12.67 -12.81
N ARG A 238 -17.32 11.64 -12.54
CA ARG A 238 -18.74 11.68 -12.85
C ARG A 238 -19.50 12.28 -11.67
N GLY A 239 -18.75 12.80 -10.69
CA GLY A 239 -19.31 13.35 -9.47
C GLY A 239 -19.95 12.27 -8.61
N HIS A 240 -19.68 11.01 -8.89
CA HIS A 240 -20.21 9.96 -8.04
C HIS A 240 -19.37 9.85 -6.74
N ILE A 241 -19.62 8.86 -5.88
CA ILE A 241 -18.98 8.82 -4.54
C ILE A 241 -18.25 7.50 -4.22
N LYS A 242 -16.97 7.59 -3.90
CA LYS A 242 -16.21 6.44 -3.38
C LYS A 242 -15.53 6.80 -2.07
N LEU A 243 -15.47 5.85 -1.15
CA LEU A 243 -15.04 6.19 0.18
C LEU A 243 -13.59 5.94 0.59
N SER A 244 -12.80 5.29 -0.24
CA SER A 244 -11.48 4.83 0.22
C SER A 244 -11.51 4.00 1.50
N ASP A 245 -10.45 4.11 2.28
CA ASP A 245 -10.42 3.38 3.53
C ASP A 245 -9.40 3.93 4.51
N PHE A 246 -9.66 3.61 5.78
CA PHE A 246 -8.95 4.13 6.95
C PHE A 246 -7.42 3.97 6.91
N GLY A 247 -6.91 3.08 6.07
CA GLY A 247 -5.55 3.16 5.53
C GLY A 247 -4.30 2.33 5.89
N LEU A 248 -4.18 1.76 7.09
CA LEU A 248 -5.07 1.96 8.21
C LEU A 248 -4.52 3.04 9.14
N SER A 249 -5.19 4.20 9.16
CA SER A 249 -4.90 5.34 10.06
C SER A 249 -5.70 5.21 11.36
N THR A 250 -5.08 5.55 12.49
CA THR A 250 -5.61 5.20 13.83
C THR A 250 -5.52 6.29 14.90
N GLY A 251 -5.76 5.89 16.15
CA GLY A 251 -5.84 6.82 17.27
C GLY A 251 -7.25 6.92 17.79
N PHE A 252 -7.40 7.41 19.03
CA PHE A 252 -8.67 7.31 19.72
C PHE A 252 -8.94 8.47 20.67
N HIS A 253 -10.22 8.80 20.82
CA HIS A 253 -10.68 9.77 21.80
C HIS A 253 -11.02 8.99 23.08
N LYS A 254 -10.18 9.16 24.10
CA LYS A 254 -10.42 8.62 25.44
C LYS A 254 -9.50 9.43 26.37
N THR A 255 -9.69 9.35 27.69
CA THR A 255 -10.80 8.66 28.31
C THR A 255 -11.93 9.67 28.53
N HIS A 256 -11.69 10.66 29.39
CA HIS A 256 -12.61 11.76 29.57
C HIS A 256 -11.93 13.06 30.05
N ASP A 257 -12.51 14.20 29.66
CA ASP A 257 -11.94 15.51 30.03
C ASP A 257 -12.47 16.10 31.36
N SER A 258 -11.58 16.72 32.13
CA SER A 258 -12.01 17.36 33.37
C SER A 258 -11.40 18.74 33.60
N ASN A 259 -12.27 19.74 33.77
CA ASN A 259 -11.86 21.08 34.21
C ASN A 259 -12.74 21.56 35.35
N TYR A 260 -13.99 21.88 35.03
CA TYR A 260 -15.00 22.26 36.02
C TYR A 260 -14.57 23.39 36.97
N ASN A 305 -22.47 37.72 23.44
CA ASN A 305 -22.07 38.32 22.15
C ASN A 305 -22.27 37.42 20.90
N ARG A 306 -23.18 36.46 20.97
CA ARG A 306 -23.38 35.51 19.86
C ARG A 306 -24.27 36.02 18.71
N GLN A 307 -25.58 36.10 18.98
CA GLN A 307 -26.62 36.57 18.03
C GLN A 307 -27.17 35.57 16.98
N GLN A 308 -26.54 34.42 16.77
CA GLN A 308 -27.20 33.35 16.02
C GLN A 308 -26.65 31.98 16.40
N ILE A 309 -27.50 30.97 16.49
CA ILE A 309 -27.01 29.63 16.78
C ILE A 309 -26.24 29.10 15.55
N GLN A 310 -26.74 29.45 14.36
CA GLN A 310 -26.11 29.13 13.09
C GLN A 310 -24.77 29.83 13.04
N THR A 311 -24.80 31.14 13.26
CA THR A 311 -23.58 31.90 13.24
C THR A 311 -22.66 31.40 14.35
N TRP A 312 -23.23 31.03 15.49
CA TRP A 312 -22.43 30.53 16.61
C TRP A 312 -21.75 29.22 16.27
N ARG A 313 -22.51 28.27 15.72
CA ARG A 313 -21.90 27.02 15.26
C ARG A 313 -20.95 27.27 14.09
N LYS A 314 -20.88 28.50 13.61
CA LYS A 314 -19.99 28.86 12.49
C LYS A 314 -18.62 29.28 13.04
N SER A 315 -18.46 29.05 14.33
CA SER A 315 -17.17 29.11 15.02
C SER A 315 -16.46 27.77 14.80
N ARG A 316 -17.08 26.95 13.96
CA ARG A 316 -16.58 25.69 13.41
C ARG A 316 -15.45 26.04 12.46
N ARG A 317 -15.00 25.08 11.67
CA ARG A 317 -13.93 25.31 10.69
C ARG A 317 -12.77 26.02 11.38
N LEU A 318 -12.05 25.25 12.19
CA LEU A 318 -11.09 25.79 13.13
C LEU A 318 -9.64 25.33 12.85
N MET A 319 -8.79 26.29 12.46
CA MET A 319 -7.36 26.06 12.17
C MET A 319 -7.09 24.95 11.15
N ALA A 320 -7.73 25.04 9.98
CA ALA A 320 -7.79 23.93 9.03
C ALA A 320 -8.21 22.72 9.84
N TYR A 321 -7.37 21.68 9.84
CA TYR A 321 -7.32 20.79 10.99
C TYR A 321 -5.90 20.54 11.45
N SER A 322 -5.22 19.63 10.73
CA SER A 322 -3.84 19.21 11.00
C SER A 322 -3.59 18.80 12.46
N THR A 323 -4.67 18.53 13.20
CA THR A 323 -4.61 17.99 14.55
C THR A 323 -5.65 16.88 14.69
N VAL A 324 -6.93 17.29 14.71
CA VAL A 324 -8.11 16.41 14.59
C VAL A 324 -8.07 15.22 15.61
N GLY A 325 -8.53 13.99 15.28
CA GLY A 325 -9.72 13.67 14.51
C GLY A 325 -11.02 13.82 15.28
N THR A 326 -11.95 14.64 14.80
CA THR A 326 -13.16 14.93 15.55
C THR A 326 -14.29 13.90 15.38
N PRO A 327 -15.23 13.87 16.35
CA PRO A 327 -16.51 13.13 16.32
C PRO A 327 -17.59 13.60 15.29
N ASP A 328 -17.36 13.23 14.02
CA ASP A 328 -18.37 13.44 12.97
C ASP A 328 -19.18 12.18 12.72
N TYR A 329 -18.80 11.14 13.43
CA TYR A 329 -19.71 10.08 13.73
C TYR A 329 -19.62 9.83 15.21
N ILE A 330 -18.65 9.00 15.56
CA ILE A 330 -18.45 8.48 16.90
C ILE A 330 -19.76 8.02 17.56
N ALA A 331 -20.34 6.90 17.10
CA ALA A 331 -21.52 6.32 17.77
C ALA A 331 -21.19 6.11 19.22
N PRO A 332 -22.18 6.23 20.09
CA PRO A 332 -21.54 6.26 21.42
C PRO A 332 -21.29 4.90 22.07
N GLU A 333 -20.93 3.86 21.32
CA GLU A 333 -20.49 2.61 21.93
C GLU A 333 -18.98 2.42 21.85
N ILE A 334 -18.31 3.30 21.10
CA ILE A 334 -16.88 3.21 20.76
C ILE A 334 -15.99 3.69 21.89
N PHE A 335 -16.15 4.96 22.25
CA PHE A 335 -16.13 5.27 23.66
C PHE A 335 -17.55 4.79 23.92
N LEU A 336 -17.77 3.90 24.86
CA LEU A 336 -16.87 3.53 25.89
C LEU A 336 -15.95 2.39 25.49
N TYR A 337 -16.48 1.18 25.42
CA TYR A 337 -15.64 -0.01 25.51
C TYR A 337 -15.57 -0.81 24.22
N GLN A 338 -14.84 -1.93 24.27
CA GLN A 338 -14.80 -2.92 23.18
C GLN A 338 -16.23 -3.29 22.79
N GLY A 339 -16.53 -3.35 21.50
CA GLY A 339 -17.92 -3.28 21.07
C GLY A 339 -18.15 -3.20 19.58
N TYR A 340 -19.22 -2.50 19.22
CA TYR A 340 -19.61 -2.27 17.84
C TYR A 340 -19.97 -3.50 17.01
N GLY A 341 -19.41 -3.59 15.81
CA GLY A 341 -19.98 -4.41 14.75
C GLY A 341 -20.54 -3.51 13.65
N GLN A 342 -21.17 -4.13 12.66
CA GLN A 342 -21.59 -3.40 11.46
C GLN A 342 -22.36 -2.12 11.74
N GLU A 343 -23.13 -2.12 12.84
CA GLU A 343 -24.01 -0.98 13.19
C GLU A 343 -23.18 0.24 13.55
N CYS A 344 -21.87 0.05 13.66
CA CYS A 344 -21.01 1.17 13.96
C CYS A 344 -21.31 2.28 12.97
N ASP A 345 -21.29 1.93 11.68
CA ASP A 345 -21.21 2.90 10.59
C ASP A 345 -22.51 3.60 10.16
N TRP A 346 -23.62 2.89 10.32
CA TRP A 346 -24.93 3.54 10.21
C TRP A 346 -25.17 4.77 11.13
N TRP A 347 -24.54 4.82 12.30
CA TRP A 347 -24.70 5.97 13.16
C TRP A 347 -24.00 7.12 12.48
N SER A 348 -22.83 6.83 11.93
CA SER A 348 -22.06 7.77 11.15
C SER A 348 -22.84 8.31 9.95
N LEU A 349 -23.74 7.49 9.41
CA LEU A 349 -24.56 7.97 8.32
C LEU A 349 -25.56 9.05 8.74
N GLY A 350 -26.35 8.74 9.78
CA GLY A 350 -27.30 9.69 10.33
C GLY A 350 -26.59 10.92 10.82
N ALA A 351 -25.39 10.71 11.34
CA ALA A 351 -24.55 11.81 11.79
C ALA A 351 -24.38 12.67 10.60
N ILE A 352 -23.86 12.03 9.55
CA ILE A 352 -23.53 12.69 8.30
C ILE A 352 -24.79 13.25 7.69
N MET A 353 -25.80 12.40 7.47
CA MET A 353 -27.05 12.82 6.82
C MET A 353 -27.56 14.14 7.41
N TYR A 354 -27.59 14.17 8.74
CA TYR A 354 -28.07 15.32 9.49
C TYR A 354 -27.35 16.58 9.11
N GLU A 355 -26.06 16.47 8.79
CA GLU A 355 -25.24 17.66 8.61
C GLU A 355 -25.45 18.37 7.28
N CYS A 356 -25.68 17.60 6.22
CA CYS A 356 -25.77 18.21 4.90
C CYS A 356 -27.11 18.93 4.84
N LEU A 357 -28.10 18.30 5.46
CA LEU A 357 -29.43 18.89 5.62
C LEU A 357 -29.55 20.08 6.64
N ILE A 358 -28.96 19.95 7.82
CA ILE A 358 -29.06 20.99 8.83
C ILE A 358 -28.06 22.15 8.74
N GLY A 359 -26.81 21.84 8.43
CA GLY A 359 -25.77 22.86 8.52
C GLY A 359 -24.71 22.73 9.62
N TRP A 360 -24.68 21.59 10.29
CA TRP A 360 -23.57 21.18 11.16
C TRP A 360 -23.91 19.74 11.55
N PRO A 361 -22.98 19.01 12.17
CA PRO A 361 -23.32 17.66 12.63
C PRO A 361 -24.14 17.76 13.92
N PRO A 362 -24.81 16.67 14.32
CA PRO A 362 -25.76 16.73 15.43
C PRO A 362 -25.17 17.30 16.73
N PHE A 363 -23.96 16.83 17.03
CA PHE A 363 -23.35 17.08 18.32
C PHE A 363 -22.36 18.23 18.35
N CYS A 364 -22.33 19.01 17.26
CA CYS A 364 -21.28 19.98 17.05
C CYS A 364 -21.14 20.88 18.29
N SER A 365 -19.99 20.69 18.92
CA SER A 365 -19.81 21.04 20.30
C SER A 365 -18.93 22.23 20.67
N GLU A 366 -18.24 22.83 19.69
CA GLU A 366 -17.35 23.96 19.99
C GLU A 366 -16.14 23.67 20.91
N THR A 367 -16.05 22.44 21.41
CA THR A 367 -14.81 21.87 21.94
C THR A 367 -14.78 20.40 21.60
N PRO A 368 -13.58 19.85 21.42
CA PRO A 368 -13.54 18.45 21.02
C PRO A 368 -14.04 17.53 22.10
N GLN A 369 -14.16 17.97 23.36
CA GLN A 369 -14.72 17.12 24.45
C GLN A 369 -16.18 17.34 24.86
N GLU A 370 -16.80 18.42 24.39
CA GLU A 370 -18.23 18.68 24.62
C GLU A 370 -19.00 17.76 23.66
N THR A 371 -18.22 17.15 22.78
CA THR A 371 -18.46 15.83 22.24
C THR A 371 -17.24 15.12 22.87
N TYR A 372 -17.35 14.16 23.81
CA TYR A 372 -18.40 13.16 23.87
C TYR A 372 -19.67 13.72 24.45
N ARG A 373 -19.77 13.82 25.77
CA ARG A 373 -20.71 14.76 26.36
C ARG A 373 -22.07 14.69 25.66
N LYS A 374 -22.39 15.72 24.87
CA LYS A 374 -23.61 15.76 24.10
C LYS A 374 -23.87 14.41 23.44
N ILE A 375 -22.89 13.86 22.72
CA ILE A 375 -23.11 12.64 21.92
C ILE A 375 -23.38 11.45 22.82
N MET A 376 -22.70 11.44 23.96
CA MET A 376 -22.92 10.46 25.01
C MET A 376 -24.31 10.62 25.63
N ASN A 377 -24.96 11.73 25.30
CA ASN A 377 -26.32 11.97 25.73
C ASN A 377 -27.32 11.68 24.61
N PHE A 378 -27.24 12.43 23.50
CA PHE A 378 -28.27 12.53 22.44
C PHE A 378 -29.60 12.60 23.11
N GLU A 379 -30.63 11.85 22.69
CA GLU A 379 -31.83 11.75 23.55
C GLU A 379 -32.23 13.18 23.87
N GLN A 380 -31.83 13.62 25.05
CA GLN A 380 -31.79 15.05 25.35
C GLN A 380 -31.07 15.92 24.29
N THR A 381 -29.82 15.62 23.98
CA THR A 381 -29.01 16.52 23.13
C THR A 381 -29.22 16.50 21.60
N LEU A 382 -30.04 15.60 21.05
CA LEU A 382 -30.37 15.76 19.64
C LEU A 382 -31.45 16.82 19.43
N GLN A 383 -31.13 17.85 18.65
CA GLN A 383 -32.15 18.82 18.23
C GLN A 383 -32.07 19.30 16.77
N PHE A 384 -33.16 19.14 16.04
CA PHE A 384 -33.28 19.78 14.72
C PHE A 384 -33.67 21.24 14.93
N PRO A 385 -33.00 22.16 14.21
CA PRO A 385 -33.17 23.62 14.29
C PRO A 385 -34.53 24.15 13.89
N ASP A 386 -34.68 25.47 13.96
CA ASP A 386 -35.91 26.18 13.58
C ASP A 386 -35.90 26.72 12.15
N ASP A 387 -34.85 26.39 11.39
CA ASP A 387 -34.83 26.68 9.98
C ASP A 387 -35.37 25.43 9.31
N ILE A 388 -36.58 25.60 8.79
CA ILE A 388 -37.63 24.59 8.86
C ILE A 388 -37.45 23.29 8.08
N HIS A 389 -36.77 23.34 6.96
CA HIS A 389 -37.08 22.36 5.95
C HIS A 389 -36.49 21.00 6.26
N ILE A 390 -37.37 20.06 6.64
CA ILE A 390 -37.09 18.62 6.65
C ILE A 390 -38.39 17.84 6.46
N SER A 391 -38.34 16.76 5.70
CA SER A 391 -39.47 15.86 5.54
C SER A 391 -39.81 15.16 6.85
N TYR A 392 -41.05 14.68 6.92
CA TYR A 392 -41.46 13.81 8.03
C TYR A 392 -40.74 12.46 8.00
N GLU A 393 -40.44 11.93 6.81
CA GLU A 393 -39.71 10.66 6.65
C GLU A 393 -38.19 10.85 6.74
N ALA A 394 -37.73 12.00 6.30
CA ALA A 394 -36.32 12.30 6.34
C ALA A 394 -35.86 12.44 7.78
N GLU A 395 -36.69 13.05 8.62
CA GLU A 395 -36.35 13.16 10.02
C GLU A 395 -36.46 11.77 10.66
N ASP A 396 -37.48 11.03 10.25
CA ASP A 396 -37.74 9.74 10.86
C ASP A 396 -36.55 8.81 10.73
N LEU A 397 -35.88 8.92 9.60
CA LEU A 397 -34.74 8.07 9.35
C LEU A 397 -33.68 8.36 10.42
N ILE A 398 -33.25 9.62 10.46
CA ILE A 398 -32.09 10.04 11.24
C ILE A 398 -32.20 9.49 12.66
N ARG A 399 -33.32 9.81 13.29
CA ARG A 399 -33.66 9.33 14.61
C ARG A 399 -33.53 7.81 14.74
N ARG A 400 -33.82 7.06 13.68
CA ARG A 400 -33.68 5.60 13.77
C ARG A 400 -32.29 5.17 13.35
N LEU A 401 -31.54 6.11 12.80
CA LEU A 401 -30.14 5.85 12.62
C LEU A 401 -29.44 6.19 13.90
N LEU A 402 -29.85 7.31 14.45
CA LEU A 402 -29.18 7.95 15.57
C LEU A 402 -29.65 7.44 16.96
N THR A 403 -30.45 6.38 16.98
CA THR A 403 -30.90 5.78 18.21
C THR A 403 -29.79 4.91 18.77
N HIS A 404 -30.11 4.07 19.75
CA HIS A 404 -29.13 3.22 20.37
C HIS A 404 -28.95 2.09 19.41
N ALA A 405 -27.74 1.52 19.36
CA ALA A 405 -27.37 0.60 18.29
C ALA A 405 -28.04 -0.73 18.56
N ASP A 406 -28.97 -0.65 19.51
CA ASP A 406 -29.51 -1.76 20.27
C ASP A 406 -30.02 -2.91 19.45
N GLN A 407 -29.45 -4.05 19.83
CA GLN A 407 -29.93 -5.38 19.53
C GLN A 407 -30.93 -5.72 20.64
N ARG A 408 -31.07 -7.02 20.95
CA ARG A 408 -32.15 -7.59 21.79
C ARG A 408 -33.51 -7.43 21.13
N LEU A 409 -34.50 -6.80 21.76
CA LEU A 409 -35.75 -6.70 21.00
C LEU A 409 -35.63 -5.55 19.99
N GLY A 410 -35.61 -5.97 18.74
CA GLY A 410 -35.34 -5.15 17.57
C GLY A 410 -34.52 -6.09 16.70
N ARG A 411 -33.97 -5.64 15.59
CA ARG A 411 -32.79 -6.30 15.08
C ARG A 411 -31.69 -5.31 14.75
N HIS A 412 -31.83 -4.70 13.58
CA HIS A 412 -30.80 -3.87 12.97
C HIS A 412 -29.35 -4.35 13.20
N GLY A 413 -28.98 -5.54 12.71
CA GLY A 413 -29.89 -6.46 12.02
C GLY A 413 -30.26 -5.92 10.65
N GLY A 414 -29.52 -4.88 10.29
CA GLY A 414 -29.82 -3.97 9.20
C GLY A 414 -29.06 -4.12 7.90
N ALA A 415 -28.67 -2.94 7.41
CA ALA A 415 -27.83 -2.70 6.23
C ALA A 415 -28.58 -2.75 4.90
N ASP A 416 -29.73 -3.39 4.95
CA ASP A 416 -30.81 -3.14 4.04
C ASP A 416 -31.80 -2.85 5.14
N GLU A 417 -33.08 -2.76 4.81
CA GLU A 417 -34.13 -2.31 5.73
C GLU A 417 -33.94 -0.82 5.88
N ILE A 418 -32.75 -0.33 5.58
CA ILE A 418 -32.51 1.08 5.56
C ILE A 418 -33.04 1.52 4.24
N LYS A 419 -32.95 0.60 3.28
CA LYS A 419 -33.43 0.83 1.91
C LYS A 419 -34.95 0.70 1.92
N SER A 420 -35.43 -0.01 2.93
CA SER A 420 -36.84 -0.23 3.12
C SER A 420 -37.50 1.01 3.72
N HIS A 421 -36.71 2.04 4.04
CA HIS A 421 -37.27 3.31 4.52
C HIS A 421 -38.05 4.06 3.42
N PRO A 422 -39.12 4.78 3.82
CA PRO A 422 -39.86 5.66 2.92
C PRO A 422 -39.04 6.85 2.43
N PHE A 423 -37.90 7.09 3.05
CA PHE A 423 -37.10 8.23 2.66
C PHE A 423 -36.59 8.04 1.26
N PHE A 424 -36.57 6.79 0.86
CA PHE A 424 -36.17 6.44 -0.48
C PHE A 424 -37.43 5.94 -1.17
N ARG A 425 -37.98 6.82 -2.00
CA ARG A 425 -39.10 6.51 -2.89
C ARG A 425 -38.73 5.40 -3.87
N GLY A 426 -37.88 5.77 -4.84
CA GLY A 426 -37.05 4.87 -5.62
C GLY A 426 -35.62 5.06 -5.09
N VAL A 427 -34.60 4.88 -5.91
CA VAL A 427 -34.67 4.42 -7.31
C VAL A 427 -34.71 2.90 -7.30
N ASP A 428 -34.45 2.27 -8.44
CA ASP A 428 -34.25 0.84 -8.51
C ASP A 428 -33.35 0.35 -7.38
N TRP A 429 -32.31 1.15 -7.09
CA TRP A 429 -31.07 0.75 -6.40
C TRP A 429 -30.10 0.11 -7.40
N ASN A 430 -30.59 -0.13 -8.60
CA ASN A 430 -29.77 -0.69 -9.66
C ASN A 430 -29.18 0.40 -10.50
N THR A 431 -30.02 1.13 -11.20
CA THR A 431 -29.55 2.13 -12.14
C THR A 431 -28.74 3.26 -11.49
N ILE A 432 -28.68 3.28 -10.16
CA ILE A 432 -28.04 4.34 -9.38
C ILE A 432 -26.66 4.82 -9.86
N ARG A 433 -25.76 3.89 -10.19
CA ARG A 433 -24.37 4.26 -10.48
C ARG A 433 -24.25 4.99 -11.83
N GLN A 434 -25.23 4.83 -12.72
CA GLN A 434 -25.29 5.69 -13.89
C GLN A 434 -26.48 6.54 -13.68
N VAL A 435 -26.27 7.76 -13.20
CA VAL A 435 -27.34 8.73 -13.02
C VAL A 435 -26.64 10.08 -13.01
N GLU A 436 -27.27 11.11 -13.55
CA GLU A 436 -26.67 12.43 -13.54
C GLU A 436 -26.40 12.89 -12.10
N ALA A 437 -25.17 13.29 -11.82
CA ALA A 437 -24.77 13.66 -10.48
C ALA A 437 -25.05 15.12 -10.13
N PRO A 438 -25.51 15.36 -8.90
CA PRO A 438 -25.81 16.64 -8.27
C PRO A 438 -24.76 17.67 -8.55
N TYR A 439 -23.50 17.27 -8.49
CA TYR A 439 -22.48 18.12 -9.04
C TYR A 439 -21.47 17.32 -9.80
N ILE A 440 -21.31 17.64 -11.06
CA ILE A 440 -20.28 16.98 -11.82
C ILE A 440 -19.11 17.89 -11.86
N PRO A 441 -17.98 17.44 -11.30
CA PRO A 441 -16.82 18.32 -11.21
C PRO A 441 -16.44 18.75 -12.59
N LYS A 442 -16.29 20.06 -12.79
CA LYS A 442 -15.84 20.60 -14.07
C LYS A 442 -14.34 20.90 -13.98
N LEU A 443 -13.55 20.19 -14.76
CA LEU A 443 -12.11 20.29 -14.58
C LEU A 443 -11.32 20.90 -15.74
N SER A 444 -10.23 21.55 -15.40
CA SER A 444 -9.35 22.17 -16.38
C SER A 444 -8.39 21.17 -17.02
N SER A 445 -8.20 20.04 -16.37
CA SER A 445 -7.19 19.07 -16.80
C SER A 445 -7.31 17.74 -16.08
N ILE A 446 -6.33 16.89 -16.32
CA ILE A 446 -6.15 15.68 -15.52
C ILE A 446 -5.40 16.03 -14.22
N THR A 447 -4.84 17.23 -14.16
CA THR A 447 -4.22 17.77 -12.94
C THR A 447 -5.04 18.77 -12.09
N ASP A 448 -6.33 18.92 -12.37
CA ASP A 448 -7.10 19.96 -11.69
C ASP A 448 -7.24 19.61 -10.22
N THR A 449 -6.61 20.45 -9.39
CA THR A 449 -6.65 20.37 -7.94
C THR A 449 -7.67 21.38 -7.47
N ARG A 450 -8.38 21.93 -8.45
CA ARG A 450 -9.32 23.04 -8.25
C ARG A 450 -10.23 22.71 -7.11
N PHE A 451 -10.49 21.43 -6.94
CA PHE A 451 -11.46 20.96 -5.98
C PHE A 451 -10.87 20.67 -4.58
N PHE A 452 -9.59 20.96 -4.42
CA PHE A 452 -8.96 20.78 -3.12
C PHE A 452 -8.39 22.11 -2.66
N PRO A 453 -8.46 22.36 -1.34
CA PRO A 453 -7.86 23.52 -0.68
C PRO A 453 -6.38 23.33 -0.59
N THR A 454 -5.67 23.68 -1.66
CA THR A 454 -4.23 23.49 -1.76
C THR A 454 -3.48 24.05 -0.54
N ASP A 455 -4.03 25.12 0.04
CA ASP A 455 -3.61 25.74 1.31
C ASP A 455 -2.11 26.04 1.47
N GLU A 456 -1.67 26.08 2.73
CA GLU A 456 -0.30 25.86 3.19
C GLU A 456 -0.44 25.49 4.67
N LEU A 457 0.26 24.48 5.15
CA LEU A 457 0.41 24.26 6.60
C LEU A 457 1.84 23.89 7.02
N GLU A 458 2.27 22.70 6.60
CA GLU A 458 3.64 22.21 6.77
C GLU A 458 4.18 22.08 8.21
N ASN A 459 3.56 21.22 9.00
CA ASN A 459 4.03 20.92 10.35
C ASN A 459 4.02 19.42 10.65
N VAL A 460 5.21 18.84 10.89
CA VAL A 460 5.32 17.40 11.12
C VAL A 460 6.30 17.07 12.22
N PRO A 461 5.86 17.13 13.48
CA PRO A 461 6.76 16.89 14.63
C PRO A 461 7.30 15.47 14.59
N ASP A 462 8.05 15.18 13.55
CA ASP A 462 8.55 13.84 13.29
C ASP A 462 10.05 13.82 12.98
N SER A 463 10.44 14.44 11.86
CA SER A 463 11.78 14.29 11.28
C SER A 463 12.95 14.85 12.11
N PRO A 464 14.08 14.10 12.16
CA PRO A 464 15.33 14.56 12.78
C PRO A 464 16.03 15.80 12.18
N ALA A 465 16.19 15.97 10.85
CA ALA A 465 15.78 15.03 9.80
C ALA A 465 16.98 14.36 9.18
N MET A 466 17.70 15.12 8.37
CA MET A 466 18.90 14.63 7.70
C MET A 466 19.69 15.78 7.08
N ILE A 492 13.62 -1.28 -2.10
CA ILE A 492 12.29 -1.27 -2.67
C ILE A 492 11.89 -2.66 -3.17
N GLY A 493 10.61 -3.00 -3.13
CA GLY A 493 10.24 -4.33 -3.59
C GLY A 493 8.86 -4.67 -4.10
N TYR A 494 8.90 -5.64 -5.01
CA TYR A 494 7.75 -6.31 -5.62
C TYR A 494 7.39 -7.76 -5.35
N THR A 495 7.89 -8.39 -4.30
CA THR A 495 7.73 -9.85 -4.13
C THR A 495 6.28 -10.50 -4.20
N TYR A 496 5.40 -9.78 -4.89
CA TYR A 496 3.99 -10.07 -5.16
C TYR A 496 3.81 -11.39 -5.90
N SER A 497 2.60 -11.60 -6.44
CA SER A 497 2.21 -12.87 -7.13
C SER A 497 1.61 -12.81 -8.58
N ARG A 498 0.44 -12.15 -8.76
CA ARG A 498 -0.22 -12.09 -10.06
C ARG A 498 -0.08 -10.74 -10.76
N PHE A 499 -0.75 -10.55 -11.90
CA PHE A 499 -0.48 -9.38 -12.70
C PHE A 499 -1.67 -8.60 -13.28
N ASP A 500 -1.61 -7.26 -13.11
CA ASP A 500 -2.58 -6.29 -13.64
C ASP A 500 -1.94 -5.42 -14.75
N TYR A 501 -2.76 -4.95 -15.70
CA TYR A 501 -4.19 -5.20 -15.69
C TYR A 501 -4.65 -6.00 -16.91
N LYS B 68 17.67 -28.16 -9.18
CA LYS B 68 17.23 -29.01 -10.27
C LYS B 68 16.30 -28.27 -11.21
N THR B 69 15.01 -28.51 -11.07
CA THR B 69 13.99 -27.86 -11.86
C THR B 69 13.97 -26.34 -11.71
N ILE B 70 14.27 -25.86 -10.51
CA ILE B 70 14.16 -24.44 -10.22
C ILE B 70 14.97 -23.53 -11.15
N VAL B 71 16.26 -23.78 -11.28
CA VAL B 71 17.11 -22.83 -12.00
C VAL B 71 16.97 -22.95 -13.51
N GLN B 72 16.36 -24.03 -13.97
CA GLN B 72 16.17 -24.23 -15.40
C GLN B 72 15.26 -23.13 -15.92
N LEU B 73 15.63 -22.54 -17.06
CA LEU B 73 14.78 -21.53 -17.66
C LEU B 73 13.39 -22.09 -17.89
N PRO B 74 12.37 -21.44 -17.32
CA PRO B 74 10.96 -21.83 -17.47
C PRO B 74 10.48 -21.73 -18.92
N LYS B 75 9.44 -22.48 -19.23
CA LYS B 75 8.88 -22.51 -20.56
C LYS B 75 8.49 -21.11 -21.03
N TYR B 76 9.03 -20.69 -22.17
CA TYR B 76 8.66 -19.42 -22.81
C TYR B 76 8.98 -18.18 -22.00
N VAL B 77 10.11 -18.17 -21.31
CA VAL B 77 10.58 -16.95 -20.70
C VAL B 77 11.85 -16.54 -21.40
N ASP B 78 11.99 -15.26 -21.69
CA ASP B 78 13.27 -14.75 -22.15
C ASP B 78 14.30 -15.11 -21.12
N LEU B 79 15.42 -15.64 -21.57
CA LEU B 79 16.50 -16.04 -20.69
C LEU B 79 17.07 -14.83 -19.93
N GLY B 80 17.20 -13.71 -20.63
CA GLY B 80 17.76 -12.50 -20.04
C GLY B 80 17.08 -12.07 -18.76
N GLU B 81 15.75 -12.07 -18.76
CA GLU B 81 15.01 -11.83 -17.54
C GLU B 81 15.35 -12.97 -16.60
N TRP B 82 15.11 -14.19 -17.04
CA TRP B 82 15.34 -15.37 -16.20
C TRP B 82 16.74 -15.35 -15.61
N ILE B 83 17.71 -14.91 -16.38
CA ILE B 83 19.05 -14.75 -15.85
C ILE B 83 19.14 -13.56 -14.91
N ALA B 84 18.71 -12.39 -15.38
CA ALA B 84 18.95 -11.16 -14.60
C ALA B 84 18.22 -11.17 -13.25
N LEU B 85 17.12 -11.91 -13.18
CA LEU B 85 16.41 -12.11 -11.92
C LEU B 85 17.24 -13.02 -11.04
N ASN B 86 17.57 -14.20 -11.56
CA ASN B 86 18.36 -15.20 -10.84
C ASN B 86 19.70 -14.68 -10.28
N VAL B 87 20.40 -13.84 -11.04
CA VAL B 87 21.67 -13.29 -10.54
C VAL B 87 21.38 -12.29 -9.44
N PHE B 88 20.22 -11.63 -9.54
CA PHE B 88 19.82 -10.59 -8.59
C PHE B 88 19.39 -11.20 -7.27
N GLU B 89 18.73 -12.35 -7.35
CA GLU B 89 18.42 -13.11 -6.16
C GLU B 89 19.73 -13.45 -5.43
N PHE B 90 20.68 -14.03 -6.16
CA PHE B 90 21.91 -14.58 -5.58
C PHE B 90 22.84 -13.63 -4.85
N PHE B 91 23.08 -12.47 -5.44
CA PHE B 91 23.87 -11.44 -4.79
C PHE B 91 23.30 -11.21 -3.39
N THR B 92 22.00 -10.94 -3.36
CA THR B 92 21.31 -10.59 -2.12
C THR B 92 21.39 -11.66 -1.05
N ASN B 93 21.50 -12.92 -1.47
CA ASN B 93 21.58 -14.00 -0.49
C ASN B 93 22.97 -14.18 0.10
N LEU B 94 24.00 -14.08 -0.74
CA LEU B 94 25.37 -14.20 -0.27
C LEU B 94 25.64 -13.12 0.75
N ASN B 95 25.05 -11.95 0.53
CA ASN B 95 25.35 -10.77 1.33
C ASN B 95 24.70 -10.82 2.73
N GLN B 96 23.59 -11.54 2.83
CA GLN B 96 22.93 -11.71 4.12
C GLN B 96 23.69 -12.79 4.86
N PHE B 97 24.33 -13.64 4.08
CA PHE B 97 25.17 -14.68 4.63
C PHE B 97 26.47 -14.09 5.13
N TYR B 98 27.10 -13.24 4.33
CA TYR B 98 28.23 -12.54 4.88
C TYR B 98 27.75 -11.52 5.92
N GLY B 99 26.47 -11.16 5.86
CA GLY B 99 25.88 -10.33 6.88
C GLY B 99 25.97 -11.01 8.22
N VAL B 100 25.92 -12.33 8.20
CA VAL B 100 26.12 -13.14 9.40
C VAL B 100 27.55 -12.99 9.89
N VAL B 101 28.48 -13.02 8.95
CA VAL B 101 29.91 -13.02 9.24
C VAL B 101 30.44 -11.60 9.33
N ALA B 102 29.53 -10.65 9.29
CA ALA B 102 29.90 -9.24 9.23
C ALA B 102 30.93 -8.90 10.30
N GLU B 103 31.92 -8.12 9.90
CA GLU B 103 33.12 -7.85 10.69
C GLU B 103 33.85 -9.11 11.12
N TYR B 104 34.37 -9.09 12.34
CA TYR B 104 35.15 -10.20 12.93
C TYR B 104 36.47 -10.47 12.20
N VAL B 105 36.64 -9.89 11.02
CA VAL B 105 37.78 -10.21 10.16
C VAL B 105 38.46 -8.95 9.62
N HIS B 118 46.31 -24.38 -1.49
CA HIS B 118 45.67 -23.14 -1.06
C HIS B 118 45.74 -22.08 -2.14
N THR B 119 46.74 -21.20 -2.01
CA THR B 119 46.94 -20.06 -2.89
C THR B 119 45.71 -19.17 -3.05
N ASP B 120 45.56 -18.58 -4.24
CA ASP B 120 44.53 -17.58 -4.55
C ASP B 120 44.77 -16.96 -5.93
N TYR B 121 43.83 -16.12 -6.37
CA TYR B 121 44.06 -15.23 -7.51
C TYR B 121 43.38 -13.87 -7.30
N LEU B 122 44.14 -12.78 -7.49
CA LEU B 122 43.62 -11.43 -7.29
C LEU B 122 43.58 -10.64 -8.62
N TRP B 123 42.65 -9.69 -8.71
CA TRP B 123 42.22 -9.12 -9.99
C TRP B 123 41.90 -7.62 -9.89
N LEU B 124 41.20 -7.08 -10.90
CA LEU B 124 40.97 -5.63 -11.14
C LEU B 124 41.96 -4.88 -12.05
N ASP B 125 42.90 -5.60 -12.66
CA ASP B 125 43.90 -4.97 -13.54
C ASP B 125 43.25 -4.45 -14.85
N ALA B 126 43.98 -3.70 -15.67
CA ALA B 126 45.34 -3.25 -15.37
C ALA B 126 45.32 -2.06 -14.44
N ASN B 127 45.06 -0.86 -14.95
CA ASN B 127 44.72 0.28 -14.10
C ASN B 127 45.79 0.64 -13.07
N ASN B 128 46.83 -0.18 -13.01
CA ASN B 128 47.78 -0.33 -11.89
C ASN B 128 47.28 -1.29 -10.80
N ARG B 129 46.06 -1.79 -10.97
CA ARG B 129 45.43 -2.66 -9.96
C ARG B 129 45.83 -4.13 -10.07
N GLN B 130 45.09 -4.96 -9.34
CA GLN B 130 45.29 -6.41 -9.28
C GLN B 130 46.65 -6.81 -8.74
N VAL B 131 46.87 -6.56 -7.45
CA VAL B 131 48.17 -6.90 -6.89
C VAL B 131 48.12 -8.11 -5.97
N SER B 132 47.71 -7.89 -4.72
CA SER B 132 47.90 -8.92 -3.70
C SER B 132 47.46 -8.50 -2.30
N LEU B 133 47.58 -9.45 -1.38
CA LEU B 133 47.29 -9.25 0.04
C LEU B 133 45.87 -8.77 0.36
N PRO B 134 44.85 -9.45 -0.19
CA PRO B 134 43.54 -9.10 0.37
C PRO B 134 43.43 -9.62 1.80
N ALA B 135 43.97 -10.81 2.04
CA ALA B 135 43.85 -11.53 3.31
C ALA B 135 42.42 -11.45 3.83
N SER B 136 41.50 -11.99 3.05
CA SER B 136 40.06 -11.85 3.23
C SER B 136 39.67 -10.38 3.44
N GLN B 137 38.60 -10.14 4.21
CA GLN B 137 38.21 -8.79 4.66
C GLN B 137 38.41 -7.71 3.58
N TYR B 138 38.30 -8.07 2.31
CA TYR B 138 38.31 -7.03 1.30
C TYR B 138 36.87 -6.85 0.90
N ILE B 139 36.36 -7.66 -0.02
CA ILE B 139 34.95 -8.10 -0.04
C ILE B 139 33.92 -6.97 0.02
N ASP B 140 34.33 -5.80 0.52
CA ASP B 140 33.46 -4.65 0.74
C ASP B 140 33.34 -3.86 -0.55
N LEU B 141 34.49 -3.62 -1.18
CA LEU B 141 34.53 -2.88 -2.43
C LEU B 141 34.41 -3.86 -3.60
N ALA B 142 34.55 -5.15 -3.30
CA ALA B 142 34.34 -6.20 -4.28
C ALA B 142 32.86 -6.33 -4.62
N LEU B 143 32.04 -6.53 -3.60
CA LEU B 143 30.60 -6.72 -3.81
C LEU B 143 29.96 -5.45 -4.34
N THR B 144 30.46 -4.31 -3.90
CA THR B 144 29.83 -3.04 -4.25
C THR B 144 29.90 -2.68 -5.73
N TRP B 145 30.74 -3.37 -6.51
CA TRP B 145 30.75 -3.12 -7.96
C TRP B 145 29.57 -3.81 -8.62
N ILE B 146 29.19 -4.97 -8.07
CA ILE B 146 27.97 -5.63 -8.50
C ILE B 146 26.82 -4.71 -8.13
N ASN B 147 26.87 -4.21 -6.89
CA ASN B 147 25.95 -3.19 -6.41
C ASN B 147 25.83 -2.04 -7.41
N ASN B 148 26.96 -1.64 -7.99
CA ASN B 148 26.97 -0.60 -9.02
C ASN B 148 26.59 -1.12 -10.40
N LYS B 149 26.98 -2.36 -10.70
CA LYS B 149 26.74 -2.93 -12.02
C LYS B 149 25.32 -3.42 -12.21
N VAL B 150 24.72 -3.93 -11.14
CA VAL B 150 23.36 -4.47 -11.25
C VAL B 150 22.26 -3.46 -10.89
N ASN B 151 22.64 -2.29 -10.40
CA ASN B 151 21.66 -1.22 -10.15
C ASN B 151 21.58 -0.22 -11.31
N ASP B 152 22.45 -0.40 -12.31
CA ASP B 152 22.51 0.48 -13.46
C ASP B 152 21.25 0.38 -14.31
N LYS B 153 20.75 1.53 -14.77
CA LYS B 153 19.55 1.57 -15.59
C LYS B 153 19.72 0.81 -16.90
N ASN B 154 20.78 1.12 -17.62
CA ASN B 154 21.02 0.56 -18.96
C ASN B 154 21.57 -0.87 -19.01
N LEU B 155 22.38 -1.26 -18.03
CA LEU B 155 22.89 -2.62 -17.97
C LEU B 155 21.76 -3.56 -17.61
N PHE B 156 20.99 -3.16 -16.60
CA PHE B 156 19.86 -3.97 -16.13
C PHE B 156 18.54 -3.23 -16.26
N PRO B 157 17.91 -3.37 -17.44
CA PRO B 157 16.65 -2.73 -17.83
C PRO B 157 15.42 -3.27 -17.11
N THR B 158 15.31 -2.88 -15.85
CA THR B 158 14.06 -3.00 -15.11
C THR B 158 13.01 -2.30 -15.94
N LYS B 159 13.35 -1.10 -16.38
CA LYS B 159 12.39 -0.16 -16.96
C LYS B 159 11.69 -0.67 -18.21
N ASN B 160 10.36 -0.65 -18.15
CA ASN B 160 9.51 -0.99 -19.28
C ASN B 160 9.88 -2.32 -19.92
N GLY B 161 9.79 -2.35 -21.24
CA GLY B 161 10.20 -3.50 -22.02
C GLY B 161 11.46 -3.21 -22.80
N LEU B 162 12.09 -2.07 -22.49
CA LEU B 162 13.38 -1.72 -23.07
C LEU B 162 14.31 -2.91 -22.83
N PRO B 163 14.92 -3.43 -23.90
CA PRO B 163 15.72 -4.65 -23.80
C PRO B 163 17.13 -4.39 -23.24
N PHE B 164 17.90 -5.46 -23.09
CA PHE B 164 19.21 -5.37 -22.44
C PHE B 164 20.26 -5.59 -23.51
N PRO B 165 21.48 -5.04 -23.30
CA PRO B 165 22.49 -5.14 -24.35
C PRO B 165 22.86 -6.59 -24.68
N GLN B 166 22.57 -7.50 -23.75
CA GLN B 166 22.91 -8.93 -23.86
C GLN B 166 24.42 -9.21 -23.77
N GLN B 167 25.22 -8.15 -23.88
CA GLN B 167 26.65 -8.22 -23.63
C GLN B 167 26.82 -8.47 -22.14
N PHE B 168 25.72 -8.29 -21.40
CA PHE B 168 25.63 -8.71 -20.03
C PHE B 168 26.07 -10.16 -19.91
N SER B 169 25.78 -10.98 -20.93
CA SER B 169 26.19 -12.38 -20.95
C SER B 169 27.68 -12.50 -20.61
N ARG B 170 28.45 -11.54 -21.09
CA ARG B 170 29.84 -11.38 -20.65
C ARG B 170 29.87 -10.84 -19.22
N ASP B 171 29.18 -9.72 -19.01
CA ASP B 171 29.21 -9.06 -17.71
C ASP B 171 28.66 -9.96 -16.59
N VAL B 172 27.52 -10.61 -16.84
CA VAL B 172 26.91 -11.48 -15.84
C VAL B 172 27.83 -12.63 -15.48
N GLN B 173 28.66 -13.02 -16.44
CA GLN B 173 29.65 -14.04 -16.17
C GLN B 173 30.64 -13.50 -15.13
N ARG B 174 31.01 -12.23 -15.28
CA ARG B 174 31.87 -11.59 -14.29
C ARG B 174 31.19 -11.56 -12.94
N ILE B 175 30.02 -10.94 -12.87
CA ILE B 175 29.27 -10.84 -11.62
C ILE B 175 28.96 -12.21 -11.04
N MET B 176 28.89 -13.23 -11.89
CA MET B 176 28.74 -14.58 -11.38
C MET B 176 30.08 -15.04 -10.81
N VAL B 177 31.17 -14.80 -11.55
CA VAL B 177 32.49 -15.27 -11.09
C VAL B 177 33.06 -14.40 -9.98
N GLN B 178 32.82 -13.10 -10.05
CA GLN B 178 33.30 -12.22 -8.99
C GLN B 178 32.58 -12.59 -7.70
N MET B 179 31.34 -13.05 -7.85
CA MET B 179 30.56 -13.52 -6.70
C MET B 179 31.15 -14.83 -6.19
N PHE B 180 31.68 -15.64 -7.10
CA PHE B 180 32.28 -16.90 -6.72
C PHE B 180 33.46 -16.72 -5.75
N ARG B 181 34.11 -15.57 -5.84
CA ARG B 181 35.22 -15.29 -4.95
C ARG B 181 34.79 -15.38 -3.48
N ILE B 182 33.83 -14.55 -3.10
CA ILE B 182 33.39 -14.48 -1.71
C ILE B 182 32.73 -15.79 -1.29
N PHE B 183 32.10 -16.45 -2.23
CA PHE B 183 31.62 -17.81 -2.01
C PHE B 183 32.79 -18.66 -1.56
N ALA B 184 33.86 -18.63 -2.35
CA ALA B 184 35.03 -19.44 -2.08
C ALA B 184 35.74 -19.01 -0.80
N HIS B 185 36.00 -17.71 -0.68
CA HIS B 185 36.69 -17.18 0.48
C HIS B 185 35.93 -17.52 1.76
N ILE B 186 34.60 -17.49 1.68
CA ILE B 186 33.76 -17.88 2.80
C ILE B 186 33.90 -19.38 3.08
N TYR B 187 34.19 -20.15 2.03
CA TYR B 187 34.41 -21.58 2.20
C TYR B 187 35.76 -21.94 2.83
N HIS B 188 36.85 -21.42 2.26
CA HIS B 188 38.19 -21.73 2.75
C HIS B 188 38.43 -21.37 4.22
N HIS B 189 38.52 -20.08 4.48
CA HIS B 189 38.88 -19.56 5.80
C HIS B 189 37.74 -19.45 6.83
N HIS B 190 36.62 -18.87 6.42
CA HIS B 190 35.57 -18.47 7.37
C HIS B 190 34.44 -19.47 7.56
N PHE B 191 34.51 -20.62 6.91
CA PHE B 191 33.51 -21.67 7.11
C PHE B 191 33.57 -22.17 8.54
N ASP B 192 34.68 -21.85 9.21
CA ASP B 192 34.93 -22.23 10.60
C ASP B 192 33.79 -21.80 11.53
N LYS B 193 33.47 -20.52 11.52
CA LYS B 193 32.50 -19.99 12.47
C LYS B 193 31.07 -20.45 12.18
N ILE B 194 30.77 -20.74 10.92
CA ILE B 194 29.39 -21.03 10.49
C ILE B 194 28.70 -22.17 11.24
N VAL B 195 29.44 -23.24 11.50
CA VAL B 195 28.83 -24.48 11.98
C VAL B 195 28.40 -24.44 13.45
N HIS B 196 28.97 -23.52 14.23
CA HIS B 196 28.56 -23.37 15.63
C HIS B 196 27.14 -22.82 15.73
N LEU B 197 26.63 -22.27 14.63
CA LEU B 197 25.29 -21.66 14.60
C LEU B 197 24.19 -22.63 14.15
N SER B 198 24.60 -23.81 13.70
CA SER B 198 23.68 -24.82 13.15
C SER B 198 22.89 -24.30 11.94
N LEU B 199 23.42 -23.26 11.29
CA LEU B 199 22.85 -22.72 10.05
C LEU B 199 23.56 -23.22 8.79
N GLU B 200 24.48 -24.17 8.97
CA GLU B 200 25.31 -24.69 7.88
C GLU B 200 24.55 -25.15 6.63
N ALA B 201 23.55 -26.01 6.82
CA ALA B 201 22.81 -26.60 5.70
C ALA B 201 22.25 -25.53 4.77
N HIS B 202 21.97 -24.37 5.35
CA HIS B 202 21.46 -23.22 4.62
C HIS B 202 22.50 -22.78 3.59
N TRP B 203 23.71 -22.49 4.05
CA TRP B 203 24.78 -22.10 3.15
C TRP B 203 25.19 -23.24 2.21
N ASN B 204 25.04 -24.48 2.67
CA ASN B 204 25.31 -25.64 1.84
C ASN B 204 24.43 -25.62 0.61
N SER B 205 23.14 -25.57 0.88
CA SER B 205 22.12 -25.57 -0.13
C SER B 205 22.29 -24.35 -1.05
N PHE B 206 22.32 -23.17 -0.45
CA PHE B 206 22.53 -21.93 -1.19
C PHE B 206 23.79 -21.95 -2.07
N PHE B 207 24.84 -22.59 -1.58
CA PHE B 207 26.06 -22.76 -2.37
C PHE B 207 25.84 -23.78 -3.47
N SER B 208 25.23 -24.90 -3.08
CA SER B 208 24.78 -25.89 -4.03
C SER B 208 23.81 -25.23 -5.02
N HIS B 209 23.12 -24.21 -4.53
CA HIS B 209 22.23 -23.45 -5.39
C HIS B 209 23.02 -22.69 -6.45
N PHE B 210 24.03 -21.94 -6.02
CA PHE B 210 24.76 -21.09 -6.97
C PHE B 210 25.41 -21.81 -8.14
N ILE B 211 26.23 -22.83 -7.85
CA ILE B 211 26.92 -23.59 -8.89
C ILE B 211 25.95 -24.18 -9.88
N SER B 212 24.98 -24.92 -9.35
CA SER B 212 24.04 -25.67 -10.16
C SER B 212 23.44 -24.80 -11.23
N PHE B 213 23.11 -23.57 -10.87
CA PHE B 213 22.53 -22.63 -11.81
C PHE B 213 23.53 -22.22 -12.89
N ALA B 214 24.65 -21.66 -12.46
CA ALA B 214 25.62 -21.09 -13.39
C ALA B 214 26.34 -22.17 -14.18
N LYS B 215 26.49 -23.35 -13.57
CA LYS B 215 27.07 -24.48 -14.28
C LYS B 215 26.08 -24.97 -15.32
N GLU B 216 24.80 -24.97 -14.95
CA GLU B 216 23.72 -25.36 -15.86
C GLU B 216 23.73 -24.51 -17.12
N PHE B 217 23.90 -23.21 -16.93
CA PHE B 217 23.90 -22.26 -18.02
C PHE B 217 25.32 -22.00 -18.52
N LYS B 218 26.28 -22.75 -17.96
CA LYS B 218 27.69 -22.59 -18.28
C LYS B 218 28.17 -21.17 -18.05
N ILE B 219 27.62 -20.52 -17.02
CA ILE B 219 27.97 -19.14 -16.72
C ILE B 219 29.35 -19.02 -16.09
N ILE B 220 29.96 -20.16 -15.77
CA ILE B 220 31.31 -20.17 -15.23
C ILE B 220 32.12 -21.36 -15.76
N ASP B 221 33.35 -21.10 -16.18
CA ASP B 221 34.21 -22.13 -16.75
C ASP B 221 34.75 -23.09 -15.67
N ARG B 222 35.16 -24.27 -16.11
CA ARG B 222 35.60 -25.31 -15.18
C ARG B 222 36.96 -25.04 -14.54
N LYS B 223 37.74 -24.11 -15.12
CA LYS B 223 39.10 -23.82 -14.63
C LYS B 223 39.18 -22.92 -13.38
N GLU B 224 38.18 -22.06 -13.19
CA GLU B 224 38.14 -21.20 -12.00
C GLU B 224 37.37 -21.85 -10.85
N MET B 225 36.84 -23.05 -11.09
CA MET B 225 36.14 -23.82 -10.06
C MET B 225 37.07 -24.77 -9.32
N ALA B 226 38.35 -24.68 -9.65
CA ALA B 226 39.39 -25.51 -9.03
C ALA B 226 39.40 -25.60 -7.49
N PRO B 227 39.17 -24.46 -6.80
CA PRO B 227 39.09 -24.63 -5.34
C PRO B 227 37.82 -25.35 -4.94
N LEU B 228 36.79 -25.22 -5.76
CA LEU B 228 35.50 -25.84 -5.46
C LEU B 228 35.45 -27.28 -5.95
N LEU B 229 36.38 -27.63 -6.83
CA LEU B 229 36.40 -28.97 -7.43
C LEU B 229 36.43 -30.15 -6.44
N PRO B 230 37.24 -30.08 -5.37
CA PRO B 230 37.16 -31.17 -4.39
C PRO B 230 35.84 -31.20 -3.61
N LEU B 231 35.25 -30.04 -3.38
CA LEU B 231 33.97 -29.93 -2.65
C LEU B 231 32.75 -30.24 -3.52
N ILE B 232 32.82 -29.83 -4.79
CA ILE B 232 31.72 -29.99 -5.74
C ILE B 232 31.23 -31.45 -5.92
N GLU B 233 32.12 -32.32 -6.38
CA GLU B 233 31.75 -33.65 -6.90
C GLU B 233 31.13 -34.63 -5.90
N SER B 234 31.05 -34.25 -4.63
CA SER B 234 30.46 -35.10 -3.61
C SER B 234 29.09 -35.67 -4.00
N PHE B 235 28.32 -34.90 -4.78
CA PHE B 235 26.99 -35.30 -5.25
C PHE B 235 26.13 -35.98 -4.17
#